data_1A60
#
_entry.id   1A60
#
_cell.length_a   1.000
_cell.length_b   1.000
_cell.length_c   1.000
_cell.angle_alpha   90.00
_cell.angle_beta   90.00
_cell.angle_gamma   90.00
#
_symmetry.space_group_name_H-M   'P 1'
#
_entity_poly.entity_id   1
_entity_poly.type   'polyribonucleotide'
_entity_poly.pdbx_seq_one_letter_code
;GGGAGCUCAACUCUCCCCCCCUUUUCCGAGGGUCAUCGGAACCA
;
_entity_poly.pdbx_strand_id   A
#
loop_
_chem_comp.id
_chem_comp.type
_chem_comp.name
_chem_comp.formula
A RNA linking ADENOSINE-5'-MONOPHOSPHATE 'C10 H14 N5 O7 P'
C RNA linking CYTIDINE-5'-MONOPHOSPHATE 'C9 H14 N3 O8 P'
G RNA linking GUANOSINE-5'-MONOPHOSPHATE 'C10 H14 N5 O8 P'
U RNA linking URIDINE-5'-MONOPHOSPHATE 'C9 H13 N2 O9 P'
#